data_4PYT
#
_entry.id   4PYT
#
_cell.length_a   106.786
_cell.length_b   106.786
_cell.length_c   201.085
_cell.angle_alpha   90.000
_cell.angle_beta   90.000
_cell.angle_gamma   120.000
#
_symmetry.space_group_name_H-M   'H 3 2'
#
loop_
_entity.id
_entity.type
_entity.pdbx_description
1 polymer 'UDP-N-acetylenolpyruvoylglucosamine reductase'
2 non-polymer 'FLAVIN-ADENINE DINUCLEOTIDE'
3 non-polymer 'MAGNESIUM ION'
4 non-polymer 'CHLORIDE ION'
5 water water
#
_entity_poly.entity_id   1
_entity_poly.type   'polypeptide(L)'
_entity_poly.pdbx_seq_one_letter_code
;MDKVIQELKDLQVGKVLENEPLANHTTIKIGGPADCLVIPKDIQAVRDTMEVVKNHGVQWRAIGRGSNLLVLDEGIRGVV
IKLGAGLDHMEIDGEQVTVGGGYSVVRLSTGISKKGLSGLEFASGIPGSVGGAVYMNAGAHGSDISRILVKALILFEDGT
MEWLTNEEMEFSYRTSILQNKRPGICLEAVLQLEQKERDAIVAQMQKNKDYRKETQPVSNPCAGSIFRNPLPDHAGRLVE
QAGLKGHRIGGAKVSEMHGNFIVNAGGATAKDVLDLIAFIQKTIKEKYDIDMHTEVEIVGEKRHHHHHH
;
_entity_poly.pdbx_strand_id   A
#
# COMPACT_ATOMS: atom_id res chain seq x y z
N MET A 1 2.10 24.13 -12.86
CA MET A 1 1.09 23.40 -12.11
C MET A 1 0.21 24.36 -11.32
N ASP A 2 0.61 25.62 -11.28
CA ASP A 2 -0.10 26.66 -10.53
C ASP A 2 -1.60 26.68 -10.81
N LYS A 3 -1.97 26.51 -12.08
CA LYS A 3 -3.37 26.56 -12.49
C LYS A 3 -4.12 25.28 -12.17
N VAL A 4 -3.44 24.14 -12.31
CA VAL A 4 -4.01 22.86 -11.88
C VAL A 4 -4.41 22.99 -10.42
N ILE A 5 -3.47 23.46 -9.60
CA ILE A 5 -3.73 23.65 -8.19
C ILE A 5 -4.91 24.58 -7.96
N GLN A 6 -5.00 25.62 -8.78
CA GLN A 6 -6.08 26.59 -8.62
C GLN A 6 -7.45 25.98 -8.92
N GLU A 7 -7.58 25.35 -10.09
CA GLU A 7 -8.83 24.69 -10.48
C GLU A 7 -9.30 23.68 -9.45
N LEU A 8 -8.35 22.93 -8.87
CA LEU A 8 -8.67 21.95 -7.84
C LEU A 8 -9.23 22.63 -6.61
N LYS A 9 -8.66 23.77 -6.27
CA LYS A 9 -9.15 24.54 -5.13
C LYS A 9 -10.55 25.09 -5.41
N ASP A 10 -10.77 25.50 -6.65
CA ASP A 10 -12.05 26.06 -7.05
C ASP A 10 -13.15 25.02 -7.04
N LEU A 11 -12.77 23.78 -7.34
CA LEU A 11 -13.72 22.67 -7.39
C LEU A 11 -14.08 22.13 -6.01
N GLN A 12 -13.42 22.65 -4.98
CA GLN A 12 -13.61 22.18 -3.61
C GLN A 12 -13.50 20.66 -3.46
N VAL A 13 -12.47 20.08 -4.06
CA VAL A 13 -12.28 18.63 -4.06
C VAL A 13 -11.98 18.04 -2.66
N GLY A 14 -11.62 18.92 -1.73
CA GLY A 14 -11.17 18.52 -0.41
C GLY A 14 -9.88 19.28 -0.12
N LYS A 15 -8.97 18.68 0.63
CA LYS A 15 -7.67 19.34 0.84
C LYS A 15 -6.83 19.39 -0.43
N VAL A 16 -6.21 20.54 -0.70
CA VAL A 16 -5.32 20.68 -1.84
C VAL A 16 -3.96 21.21 -1.36
N LEU A 17 -3.05 20.29 -1.05
CA LEU A 17 -1.80 20.61 -0.37
C LEU A 17 -0.63 20.77 -1.34
N GLU A 18 -0.07 21.98 -1.40
CA GLU A 18 1.05 22.27 -2.30
C GLU A 18 2.38 21.93 -1.63
N ASN A 19 3.32 21.45 -2.44
CA ASN A 19 4.64 21.01 -1.97
C ASN A 19 4.58 20.19 -0.68
N GLU A 20 3.73 19.17 -0.69
CA GLU A 20 3.48 18.39 0.51
C GLU A 20 4.46 17.23 0.61
N PRO A 21 5.21 17.16 1.72
CA PRO A 21 6.20 16.12 1.98
C PRO A 21 5.56 14.73 2.10
N LEU A 22 5.99 13.81 1.24
CA LEU A 22 5.46 12.45 1.29
C LEU A 22 5.91 11.71 2.54
N ALA A 23 6.91 12.24 3.23
CA ALA A 23 7.27 11.76 4.55
C ALA A 23 6.06 11.79 5.51
N ASN A 24 5.17 12.76 5.32
CA ASN A 24 3.93 12.82 6.10
C ASN A 24 2.92 11.72 5.71
N HIS A 25 3.13 11.06 4.59
CA HIS A 25 2.11 10.16 4.06
C HIS A 25 2.57 8.76 3.71
N THR A 26 3.68 8.32 4.31
CA THR A 26 4.20 6.98 4.12
C THR A 26 4.48 6.36 5.49
N THR A 27 4.40 5.04 5.60
CA THR A 27 4.60 4.41 6.88
C THR A 27 6.06 4.46 7.33
N ILE A 28 6.98 4.57 6.37
CA ILE A 28 8.41 4.64 6.71
C ILE A 28 8.80 6.08 7.02
N LYS A 29 7.83 6.99 6.80
CA LYS A 29 8.00 8.43 7.04
C LYS A 29 9.25 8.99 6.36
N ILE A 30 9.35 8.70 5.06
CA ILE A 30 10.41 9.23 4.22
C ILE A 30 9.74 9.79 2.99
N GLY A 31 10.32 10.82 2.39
CA GLY A 31 9.87 11.27 1.08
C GLY A 31 9.75 12.77 0.97
N GLY A 32 10.12 13.29 -0.19
CA GLY A 32 10.07 14.71 -0.46
C GLY A 32 8.68 15.20 -0.81
N PRO A 33 8.60 16.39 -1.42
CA PRO A 33 7.31 17.04 -1.64
C PRO A 33 6.58 16.57 -2.90
N ALA A 34 5.27 16.34 -2.78
CA ALA A 34 4.44 16.24 -3.96
C ALA A 34 4.09 17.66 -4.34
N ASP A 35 4.14 17.96 -5.62
CA ASP A 35 3.75 19.27 -6.13
C ASP A 35 2.37 19.61 -5.58
N CYS A 36 1.42 18.73 -5.86
CA CYS A 36 0.07 18.87 -5.34
C CYS A 36 -0.44 17.54 -4.81
N LEU A 37 -0.66 17.47 -3.51
CA LEU A 37 -1.36 16.33 -2.90
C LEU A 37 -2.81 16.68 -2.63
N VAL A 38 -3.72 15.99 -3.32
CA VAL A 38 -5.16 16.15 -3.11
C VAL A 38 -5.69 15.05 -2.20
N ILE A 39 -6.47 15.43 -1.20
CA ILE A 39 -7.16 14.48 -0.35
C ILE A 39 -8.67 14.62 -0.57
N PRO A 40 -9.21 13.90 -1.57
CA PRO A 40 -10.61 14.00 -2.00
C PRO A 40 -11.61 13.71 -0.87
N LYS A 41 -12.64 14.55 -0.80
CA LYS A 41 -13.63 14.46 0.26
C LYS A 41 -14.69 13.39 -0.03
N ASP A 42 -14.80 13.00 -1.30
CA ASP A 42 -15.73 11.95 -1.72
C ASP A 42 -15.39 11.43 -3.12
N ILE A 43 -16.18 10.47 -3.60
CA ILE A 43 -15.96 9.89 -4.92
C ILE A 43 -16.06 10.92 -6.06
N GLN A 44 -17.06 11.80 -6.00
CA GLN A 44 -17.17 12.83 -7.04
C GLN A 44 -15.91 13.69 -7.11
N ALA A 45 -15.34 13.98 -5.94
CA ALA A 45 -14.13 14.79 -5.85
C ALA A 45 -12.98 14.09 -6.57
N VAL A 46 -12.93 12.76 -6.49
CA VAL A 46 -11.91 12.02 -7.23
C VAL A 46 -12.11 12.17 -8.73
N ARG A 47 -13.36 12.10 -9.18
CA ARG A 47 -13.65 12.28 -10.61
C ARG A 47 -13.27 13.70 -11.06
N ASP A 48 -13.62 14.69 -10.23
CA ASP A 48 -13.31 16.09 -10.53
C ASP A 48 -11.81 16.29 -10.65
N THR A 49 -11.07 15.65 -9.75
CA THR A 49 -9.61 15.74 -9.76
C THR A 49 -9.03 15.11 -11.02
N MET A 50 -9.49 13.91 -11.35
CA MET A 50 -8.97 13.23 -12.53
C MET A 50 -9.27 13.98 -13.83
N GLU A 51 -10.40 14.68 -13.87
CA GLU A 51 -10.75 15.43 -15.06
C GLU A 51 -9.82 16.65 -15.24
N VAL A 52 -9.45 17.30 -14.14
CA VAL A 52 -8.47 18.37 -14.20
C VAL A 52 -7.12 17.84 -14.70
N VAL A 53 -6.72 16.69 -14.16
CA VAL A 53 -5.48 16.03 -14.55
C VAL A 53 -5.48 15.72 -16.05
N LYS A 54 -6.59 15.18 -16.53
CA LYS A 54 -6.73 14.82 -17.92
C LYS A 54 -6.60 16.05 -18.81
N ASN A 55 -7.26 17.12 -18.42
CA ASN A 55 -7.23 18.37 -19.19
C ASN A 55 -5.83 18.98 -19.33
N HIS A 56 -5.16 19.18 -18.21
CA HIS A 56 -3.81 19.75 -18.22
C HIS A 56 -2.71 18.75 -18.57
N GLY A 57 -3.10 17.50 -18.80
CA GLY A 57 -2.16 16.45 -19.18
C GLY A 57 -0.98 16.29 -18.23
N VAL A 58 -1.19 16.54 -16.94
CA VAL A 58 -0.14 16.35 -15.96
C VAL A 58 -0.12 14.90 -15.43
N GLN A 59 0.90 14.59 -14.64
CA GLN A 59 1.05 13.26 -14.08
C GLN A 59 0.17 13.04 -12.85
N TRP A 60 -0.27 11.80 -12.64
CA TRP A 60 -1.03 11.49 -11.44
C TRP A 60 -0.56 10.20 -10.80
N ARG A 61 -0.68 10.12 -9.49
CA ARG A 61 -0.51 8.86 -8.79
C ARG A 61 -1.50 8.77 -7.63
N ALA A 62 -2.19 7.65 -7.51
CA ALA A 62 -3.05 7.40 -6.36
C ALA A 62 -2.27 6.68 -5.27
N ILE A 63 -2.42 7.13 -4.02
CA ILE A 63 -1.88 6.43 -2.87
C ILE A 63 -2.95 6.23 -1.81
N GLY A 64 -2.70 5.28 -0.90
CA GLY A 64 -3.55 5.08 0.26
C GLY A 64 -2.75 5.50 1.48
N ARG A 65 -2.31 4.52 2.27
CA ARG A 65 -1.53 4.78 3.47
C ARG A 65 -0.02 4.93 3.21
N GLY A 66 0.41 4.78 1.96
CA GLY A 66 1.83 4.81 1.64
C GLY A 66 2.63 3.76 2.38
N SER A 67 2.04 2.59 2.58
CA SER A 67 2.68 1.54 3.35
C SER A 67 3.61 0.62 2.53
N ASN A 68 3.63 0.79 1.21
CA ASN A 68 4.60 0.07 0.38
C ASN A 68 5.44 0.98 -0.49
N LEU A 69 5.59 2.23 -0.06
CA LEU A 69 6.26 3.22 -0.88
C LEU A 69 7.56 3.70 -0.25
N LEU A 70 8.61 3.74 -1.04
CA LEU A 70 9.79 4.51 -0.67
C LEU A 70 9.79 5.68 -1.63
N VAL A 71 9.40 6.85 -1.16
CA VAL A 71 9.37 8.03 -2.02
C VAL A 71 10.72 8.72 -1.95
N LEU A 72 11.27 9.03 -3.10
CA LEU A 72 12.60 9.62 -3.18
C LEU A 72 12.58 11.01 -2.57
N ASP A 73 13.78 11.50 -2.23
CA ASP A 73 13.94 12.72 -1.44
C ASP A 73 13.48 13.99 -2.16
N GLU A 74 13.41 13.93 -3.49
CA GLU A 74 12.89 15.07 -4.25
C GLU A 74 11.41 14.96 -4.61
N GLY A 75 10.72 14.00 -3.97
CA GLY A 75 9.27 13.91 -4.07
C GLY A 75 8.71 13.52 -5.43
N ILE A 76 7.44 13.88 -5.65
CA ILE A 76 6.71 13.45 -6.83
C ILE A 76 6.17 14.64 -7.62
N ARG A 77 6.35 14.61 -8.94
CA ARG A 77 5.82 15.67 -9.79
C ARG A 77 4.36 15.42 -10.19
N GLY A 78 3.61 16.49 -10.40
CA GLY A 78 2.21 16.37 -10.78
C GLY A 78 1.27 16.26 -9.59
N VAL A 79 0.22 15.45 -9.74
CA VAL A 79 -0.83 15.33 -8.74
C VAL A 79 -0.73 13.99 -8.01
N VAL A 80 -0.79 14.03 -6.69
CA VAL A 80 -0.88 12.81 -5.89
C VAL A 80 -2.26 12.78 -5.23
N ILE A 81 -3.01 11.72 -5.48
CA ILE A 81 -4.34 11.56 -4.88
C ILE A 81 -4.30 10.54 -3.76
N LYS A 82 -4.51 11.01 -2.53
CA LYS A 82 -4.57 10.15 -1.37
C LYS A 82 -6.01 9.77 -1.07
N LEU A 83 -6.30 8.47 -1.16
CA LEU A 83 -7.61 7.98 -0.82
C LEU A 83 -7.60 7.60 0.64
N GLY A 84 -8.42 8.28 1.42
CA GLY A 84 -8.44 8.08 2.86
C GLY A 84 -9.80 8.32 3.44
N ALA A 85 -9.91 9.32 4.31
CA ALA A 85 -11.14 9.57 5.05
C ALA A 85 -12.34 9.93 4.17
N GLY A 86 -12.08 10.57 3.04
CA GLY A 86 -13.14 10.91 2.11
C GLY A 86 -13.77 9.71 1.46
N LEU A 87 -13.09 8.57 1.50
CA LEU A 87 -13.56 7.37 0.81
C LEU A 87 -13.56 6.19 1.74
N ASP A 88 -14.09 6.38 2.95
CA ASP A 88 -14.07 5.35 3.97
C ASP A 88 -15.46 4.76 4.28
N HIS A 89 -16.35 4.82 3.31
CA HIS A 89 -17.65 4.18 3.49
C HIS A 89 -17.49 2.68 3.67
N MET A 90 -18.37 2.08 4.46
CA MET A 90 -18.32 0.64 4.66
C MET A 90 -19.68 0.16 5.15
N GLU A 91 -20.26 -0.78 4.41
CA GLU A 91 -21.57 -1.36 4.72
C GLU A 91 -21.50 -2.87 4.60
N ILE A 92 -22.13 -3.57 5.52
CA ILE A 92 -22.26 -5.01 5.47
C ILE A 92 -23.68 -5.39 5.06
N ASP A 93 -23.82 -6.29 4.07
CA ASP A 93 -25.11 -6.85 3.71
C ASP A 93 -25.01 -8.39 3.66
N GLY A 94 -25.34 -9.05 4.77
CA GLY A 94 -25.22 -10.49 4.86
C GLY A 94 -23.75 -10.88 4.89
N GLU A 95 -23.30 -11.61 3.86
CA GLU A 95 -21.91 -12.03 3.80
C GLU A 95 -21.09 -11.12 2.88
N GLN A 96 -21.70 -10.06 2.38
CA GLN A 96 -21.00 -9.14 1.49
C GLN A 96 -20.71 -7.81 2.14
N VAL A 97 -19.46 -7.35 1.96
CA VAL A 97 -19.04 -6.07 2.51
C VAL A 97 -18.69 -5.14 1.36
N THR A 98 -19.29 -3.95 1.34
CA THR A 98 -18.95 -2.95 0.33
C THR A 98 -18.16 -1.84 1.00
N VAL A 99 -16.97 -1.55 0.50
CA VAL A 99 -16.04 -0.73 1.27
C VAL A 99 -15.26 0.22 0.35
N GLY A 100 -15.17 1.48 0.76
CA GLY A 100 -14.46 2.48 -0.04
C GLY A 100 -12.96 2.21 -0.07
N GLY A 101 -12.29 2.71 -1.10
CA GLY A 101 -10.88 2.48 -1.31
C GLY A 101 -9.98 3.11 -0.24
N GLY A 102 -10.51 4.09 0.48
CA GLY A 102 -9.74 4.79 1.50
C GLY A 102 -9.77 4.15 2.87
N TYR A 103 -10.61 3.13 3.04
CA TYR A 103 -10.79 2.47 4.33
C TYR A 103 -9.54 1.68 4.75
N SER A 104 -9.25 1.69 6.04
CA SER A 104 -8.10 0.96 6.57
C SER A 104 -8.30 -0.55 6.56
N VAL A 105 -7.35 -1.27 5.97
CA VAL A 105 -7.42 -2.74 5.91
C VAL A 105 -7.39 -3.37 7.29
N VAL A 106 -6.50 -2.89 8.15
CA VAL A 106 -6.44 -3.41 9.50
C VAL A 106 -7.76 -3.19 10.23
N ARG A 107 -8.34 -2.00 10.08
CA ARG A 107 -9.62 -1.73 10.70
C ARG A 107 -10.72 -2.65 10.17
N LEU A 108 -10.74 -2.85 8.85
CA LEU A 108 -11.73 -3.74 8.22
C LEU A 108 -11.57 -5.17 8.71
N SER A 109 -10.33 -5.65 8.74
CA SER A 109 -10.06 -7.01 9.21
C SER A 109 -10.52 -7.17 10.66
N THR A 110 -10.26 -6.16 11.47
CA THR A 110 -10.60 -6.20 12.89
C THR A 110 -12.11 -6.24 13.12
N GLY A 111 -12.82 -5.29 12.52
CA GLY A 111 -14.25 -5.19 12.71
C GLY A 111 -15.05 -6.29 12.04
N ILE A 112 -14.68 -6.65 10.82
CA ILE A 112 -15.38 -7.73 10.13
C ILE A 112 -15.21 -9.08 10.86
N SER A 113 -13.98 -9.34 11.34
CA SER A 113 -13.73 -10.58 12.07
C SER A 113 -14.57 -10.62 13.35
N LYS A 114 -14.75 -9.46 13.96
CA LYS A 114 -15.60 -9.34 15.14
C LYS A 114 -17.08 -9.62 14.87
N LYS A 115 -17.49 -9.52 13.60
CA LYS A 115 -18.88 -9.81 13.25
C LYS A 115 -19.06 -11.29 12.96
N GLY A 116 -17.99 -12.06 13.11
CA GLY A 116 -18.02 -13.48 12.81
C GLY A 116 -17.92 -13.80 11.32
N LEU A 117 -17.60 -12.80 10.51
CA LEU A 117 -17.44 -13.02 9.07
C LEU A 117 -16.00 -13.39 8.76
N SER A 118 -15.80 -14.61 8.26
CA SER A 118 -14.47 -15.14 8.03
C SER A 118 -13.97 -14.85 6.62
N GLY A 119 -12.70 -14.56 6.49
CA GLY A 119 -12.09 -14.31 5.19
C GLY A 119 -11.15 -13.13 5.17
N LEU A 120 -11.18 -12.34 6.24
CA LEU A 120 -10.26 -11.19 6.32
C LEU A 120 -9.28 -11.29 7.49
N GLU A 121 -9.26 -12.42 8.19
CA GLU A 121 -8.35 -12.57 9.34
C GLU A 121 -6.90 -12.43 8.87
N PHE A 122 -6.64 -12.90 7.64
CA PHE A 122 -5.28 -12.89 7.09
C PHE A 122 -4.70 -11.49 6.99
N ALA A 123 -5.58 -10.50 6.93
CA ALA A 123 -5.17 -9.14 6.62
C ALA A 123 -5.03 -8.26 7.86
N SER A 124 -5.13 -8.86 9.05
CA SER A 124 -5.18 -8.04 10.26
C SER A 124 -3.88 -7.27 10.51
N GLY A 125 -2.80 -7.70 9.86
CA GLY A 125 -1.52 -7.01 10.02
C GLY A 125 -1.02 -6.27 8.78
N ILE A 126 -1.88 -6.11 7.78
CA ILE A 126 -1.51 -5.40 6.56
C ILE A 126 -1.97 -3.96 6.64
N PRO A 127 -1.04 -3.05 6.94
CA PRO A 127 -1.35 -1.67 7.32
C PRO A 127 -1.59 -0.75 6.14
N GLY A 128 -2.43 -1.17 5.20
CA GLY A 128 -2.71 -0.36 4.04
C GLY A 128 -4.17 0.05 3.97
N SER A 129 -4.55 0.61 2.83
CA SER A 129 -5.93 0.93 2.51
C SER A 129 -6.53 -0.13 1.60
N VAL A 130 -7.86 -0.17 1.54
CA VAL A 130 -8.52 -1.14 0.66
C VAL A 130 -8.09 -1.00 -0.79
N GLY A 131 -8.06 0.23 -1.32
CA GLY A 131 -7.67 0.48 -2.70
C GLY A 131 -6.26 -0.01 -3.01
N GLY A 132 -5.33 0.24 -2.08
CA GLY A 132 -3.96 -0.26 -2.24
C GLY A 132 -3.85 -1.77 -2.13
N ALA A 133 -4.65 -2.38 -1.26
CA ALA A 133 -4.71 -3.83 -1.15
C ALA A 133 -5.25 -4.44 -2.44
N VAL A 134 -6.24 -3.81 -3.05
CA VAL A 134 -6.75 -4.31 -4.32
C VAL A 134 -5.68 -4.17 -5.42
N TYR A 135 -5.07 -3.00 -5.49
CA TYR A 135 -4.00 -2.78 -6.46
C TYR A 135 -2.87 -3.82 -6.33
N MET A 136 -2.46 -4.10 -5.08
CA MET A 136 -1.33 -5.00 -4.84
C MET A 136 -1.72 -6.48 -4.77
N ASN A 137 -3.04 -6.77 -4.80
CA ASN A 137 -3.54 -8.08 -4.39
C ASN A 137 -2.88 -8.51 -3.07
N ALA A 138 -2.97 -7.64 -2.08
CA ALA A 138 -2.28 -7.87 -0.79
C ALA A 138 -2.62 -9.21 -0.16
N GLY A 139 -1.61 -9.87 0.42
CA GLY A 139 -1.80 -11.20 0.93
C GLY A 139 -0.88 -11.56 2.08
N ALA A 140 -1.32 -12.50 2.89
CA ALA A 140 -0.56 -12.97 4.04
C ALA A 140 -1.19 -14.27 4.49
N HIS A 141 -0.42 -15.10 5.17
CA HIS A 141 -0.96 -16.30 5.79
C HIS A 141 -1.70 -17.22 4.81
N GLY A 142 -1.21 -17.28 3.58
CA GLY A 142 -1.80 -18.17 2.59
C GLY A 142 -3.10 -17.69 1.95
N SER A 143 -3.53 -16.47 2.25
CA SER A 143 -4.70 -15.90 1.57
C SER A 143 -4.34 -14.54 1.01
N ASP A 144 -5.26 -13.93 0.27
CA ASP A 144 -5.03 -12.62 -0.32
C ASP A 144 -6.37 -12.02 -0.77
N ILE A 145 -6.34 -10.80 -1.28
CA ILE A 145 -7.56 -10.09 -1.75
C ILE A 145 -8.28 -10.87 -2.85
N SER A 146 -7.52 -11.57 -3.68
CA SER A 146 -8.13 -12.31 -4.78
C SER A 146 -9.05 -13.45 -4.31
N ARG A 147 -8.84 -13.94 -3.10
CA ARG A 147 -9.69 -15.01 -2.58
C ARG A 147 -11.08 -14.54 -2.19
N ILE A 148 -11.25 -13.26 -1.91
CA ILE A 148 -12.51 -12.75 -1.37
C ILE A 148 -13.14 -11.62 -2.19
N LEU A 149 -12.42 -11.06 -3.16
CA LEU A 149 -12.98 -9.92 -3.89
C LEU A 149 -14.05 -10.35 -4.91
N VAL A 150 -15.24 -9.73 -4.84
CA VAL A 150 -16.29 -9.98 -5.84
C VAL A 150 -16.05 -9.09 -7.05
N LYS A 151 -15.91 -7.79 -6.81
CA LYS A 151 -15.70 -6.83 -7.89
C LYS A 151 -15.13 -5.55 -7.32
N ALA A 152 -14.53 -4.74 -8.19
CA ALA A 152 -13.86 -3.53 -7.77
C ALA A 152 -14.28 -2.42 -8.72
N LEU A 153 -14.57 -1.25 -8.16
CA LEU A 153 -14.98 -0.11 -8.95
C LEU A 153 -13.75 0.70 -9.31
N ILE A 154 -13.45 0.79 -10.61
CA ILE A 154 -12.24 1.47 -11.05
C ILE A 154 -12.56 2.75 -11.81
N LEU A 155 -11.90 3.85 -11.43
CA LEU A 155 -11.95 5.09 -12.19
C LEU A 155 -10.75 5.16 -13.14
N PHE A 156 -11.00 5.22 -14.44
CA PHE A 156 -9.92 5.35 -15.40
C PHE A 156 -9.62 6.80 -15.70
N GLU A 157 -8.40 7.05 -16.18
CA GLU A 157 -7.93 8.41 -16.47
C GLU A 157 -8.89 9.16 -17.40
N ASP A 158 -9.51 8.44 -18.33
CA ASP A 158 -10.42 9.07 -19.27
C ASP A 158 -11.76 9.43 -18.65
N GLY A 159 -11.95 9.12 -17.37
CA GLY A 159 -13.15 9.52 -16.65
C GLY A 159 -14.22 8.45 -16.54
N THR A 160 -14.06 7.36 -17.29
CA THR A 160 -15.03 6.28 -17.21
C THR A 160 -14.84 5.49 -15.92
N MET A 161 -15.96 5.01 -15.38
CA MET A 161 -15.94 4.20 -14.17
C MET A 161 -16.53 2.85 -14.50
N GLU A 162 -15.86 1.79 -14.04
CA GLU A 162 -16.32 0.45 -14.38
C GLU A 162 -16.06 -0.52 -13.25
N TRP A 163 -17.06 -1.34 -12.97
CA TRP A 163 -16.91 -2.48 -12.05
C TRP A 163 -16.22 -3.64 -12.77
N LEU A 164 -15.03 -4.01 -12.29
CA LEU A 164 -14.33 -5.19 -12.82
C LEU A 164 -14.54 -6.38 -11.88
N THR A 165 -14.92 -7.51 -12.44
CA THR A 165 -15.08 -8.71 -11.64
C THR A 165 -13.71 -9.24 -11.19
N ASN A 166 -13.75 -10.16 -10.25
CA ASN A 166 -12.57 -10.87 -9.76
C ASN A 166 -11.72 -11.40 -10.93
N GLU A 167 -12.37 -12.03 -11.91
CA GLU A 167 -11.63 -12.59 -13.03
C GLU A 167 -11.03 -11.46 -13.87
N GLU A 168 -11.79 -10.38 -14.07
CA GLU A 168 -11.32 -9.25 -14.88
C GLU A 168 -10.16 -8.50 -14.23
N MET A 169 -9.98 -8.69 -12.93
CA MET A 169 -8.86 -8.07 -12.22
C MET A 169 -7.52 -8.76 -12.49
N GLU A 170 -7.55 -9.95 -13.08
CA GLU A 170 -6.33 -10.68 -13.43
C GLU A 170 -5.30 -10.73 -12.30
N PHE A 171 -5.75 -11.23 -11.16
CA PHE A 171 -4.94 -11.30 -9.94
C PHE A 171 -3.93 -12.44 -10.05
N SER A 172 -2.73 -12.22 -9.53
CA SER A 172 -1.80 -13.32 -9.24
C SER A 172 -0.97 -12.84 -8.06
N TYR A 173 0.10 -13.56 -7.72
CA TYR A 173 0.87 -13.17 -6.55
C TYR A 173 1.32 -11.71 -6.62
N ARG A 174 0.87 -10.92 -5.64
CA ARG A 174 1.20 -9.50 -5.55
C ARG A 174 0.93 -8.69 -6.83
N THR A 175 -0.06 -9.13 -7.61
CA THR A 175 -0.28 -8.55 -8.92
C THR A 175 -1.77 -8.36 -9.20
N SER A 176 -2.10 -7.26 -9.86
CA SER A 176 -3.45 -7.05 -10.40
C SER A 176 -3.34 -6.30 -11.71
N ILE A 177 -4.46 -6.22 -12.44
CA ILE A 177 -4.48 -5.59 -13.77
C ILE A 177 -4.23 -4.07 -13.70
N LEU A 178 -4.40 -3.49 -12.52
CA LEU A 178 -4.18 -2.06 -12.34
C LEU A 178 -2.68 -1.74 -12.44
N GLN A 179 -1.85 -2.75 -12.21
CA GLN A 179 -0.40 -2.59 -12.32
C GLN A 179 0.10 -2.66 -13.76
N ASN A 180 -0.73 -3.15 -14.68
CA ASN A 180 -0.25 -3.39 -16.04
C ASN A 180 -1.21 -2.95 -17.15
N LYS A 181 -2.09 -3.85 -17.59
CA LYS A 181 -2.95 -3.56 -18.74
C LYS A 181 -3.96 -2.43 -18.55
N ARG A 182 -4.54 -2.32 -17.36
CA ARG A 182 -5.61 -1.34 -17.12
C ARG A 182 -5.38 -0.47 -15.88
N PRO A 183 -4.44 0.47 -15.97
CA PRO A 183 -4.13 1.32 -14.83
C PRO A 183 -5.33 2.23 -14.55
N GLY A 184 -5.62 2.49 -13.29
CA GLY A 184 -6.75 3.31 -12.90
C GLY A 184 -6.83 3.29 -11.39
N ILE A 185 -7.80 3.99 -10.82
CA ILE A 185 -7.91 4.11 -9.37
C ILE A 185 -9.04 3.23 -8.83
N CYS A 186 -8.74 2.41 -7.82
CA CYS A 186 -9.79 1.64 -7.17
C CYS A 186 -10.49 2.52 -6.15
N LEU A 187 -11.78 2.77 -6.37
CA LEU A 187 -12.56 3.64 -5.49
C LEU A 187 -13.35 2.87 -4.44
N GLU A 188 -13.64 1.61 -4.73
CA GLU A 188 -14.57 0.85 -3.92
C GLU A 188 -14.40 -0.62 -4.26
N ALA A 189 -14.66 -1.49 -3.30
CA ALA A 189 -14.61 -2.93 -3.53
C ALA A 189 -15.78 -3.62 -2.85
N VAL A 190 -16.25 -4.70 -3.46
CA VAL A 190 -17.20 -5.59 -2.80
C VAL A 190 -16.48 -6.89 -2.48
N LEU A 191 -16.55 -7.30 -1.20
CA LEU A 191 -15.82 -8.46 -0.70
C LEU A 191 -16.84 -9.49 -0.23
N GLN A 192 -16.51 -10.77 -0.42
CA GLN A 192 -17.41 -11.82 0.04
C GLN A 192 -16.79 -12.63 1.16
N LEU A 193 -17.45 -12.67 2.30
CA LEU A 193 -16.92 -13.38 3.46
C LEU A 193 -17.77 -14.63 3.72
N GLU A 194 -17.43 -15.37 4.77
CA GLU A 194 -18.19 -16.53 5.14
C GLU A 194 -18.58 -16.47 6.62
N GLN A 195 -19.87 -16.57 6.90
CA GLN A 195 -20.33 -16.52 8.28
C GLN A 195 -19.88 -17.78 9.02
N LYS A 196 -19.14 -17.59 10.11
CA LYS A 196 -18.71 -18.71 10.96
C LYS A 196 -18.83 -18.33 12.42
N GLU A 197 -18.46 -19.25 13.30
CA GLU A 197 -18.42 -18.98 14.75
C GLU A 197 -17.49 -17.83 15.09
N ARG A 198 -18.04 -16.80 15.71
CA ARG A 198 -17.32 -15.55 15.97
C ARG A 198 -16.02 -15.66 16.75
N ASP A 199 -16.06 -16.37 17.86
CA ASP A 199 -14.92 -16.40 18.76
C ASP A 199 -13.65 -16.96 18.10
N ALA A 200 -13.82 -18.02 17.32
CA ALA A 200 -12.69 -18.62 16.62
C ALA A 200 -12.14 -17.68 15.54
N ILE A 201 -13.02 -16.95 14.88
CA ILE A 201 -12.58 -16.00 13.85
C ILE A 201 -11.82 -14.85 14.50
N VAL A 202 -12.36 -14.33 15.59
CA VAL A 202 -11.70 -13.25 16.33
C VAL A 202 -10.32 -13.74 16.80
N ALA A 203 -10.26 -15.00 17.21
CA ALA A 203 -9.02 -15.56 17.73
C ALA A 203 -7.93 -15.63 16.68
N GLN A 204 -8.31 -16.11 15.49
CA GLN A 204 -7.40 -16.17 14.35
C GLN A 204 -6.90 -14.78 13.99
N MET A 205 -7.83 -13.83 13.96
CA MET A 205 -7.49 -12.45 13.63
C MET A 205 -6.48 -11.88 14.63
N GLN A 206 -6.68 -12.17 15.91
CA GLN A 206 -5.78 -11.66 16.94
C GLN A 206 -4.45 -12.40 16.92
N LYS A 207 -4.51 -13.69 16.64
CA LYS A 207 -3.31 -14.50 16.48
C LYS A 207 -2.40 -13.92 15.40
N ASN A 208 -2.98 -13.51 14.27
CA ASN A 208 -2.21 -12.88 13.21
C ASN A 208 -1.65 -11.52 13.60
N LYS A 209 -2.37 -10.78 14.44
CA LYS A 209 -1.84 -9.51 14.95
C LYS A 209 -0.66 -9.74 15.89
N ASP A 210 -0.73 -10.82 16.67
CA ASP A 210 0.35 -11.16 17.60
C ASP A 210 1.59 -11.60 16.84
N TYR A 211 1.36 -12.30 15.73
CA TYR A 211 2.43 -12.71 14.84
C TYR A 211 3.25 -11.51 14.38
N ARG A 212 2.59 -10.40 14.06
CA ARG A 212 3.29 -9.20 13.62
C ARG A 212 4.14 -8.61 14.76
N LYS A 213 3.62 -8.68 15.98
CA LYS A 213 4.31 -8.16 17.14
C LYS A 213 5.58 -8.97 17.43
N GLU A 214 5.50 -10.27 17.23
CA GLU A 214 6.60 -11.18 17.52
C GLU A 214 7.72 -11.22 16.49
N THR A 215 7.42 -10.88 15.24
CA THR A 215 8.39 -11.13 14.15
C THR A 215 8.74 -9.93 13.29
N GLN A 216 8.03 -8.82 13.46
CA GLN A 216 8.20 -7.68 12.56
C GLN A 216 8.28 -6.38 13.35
N PRO A 217 8.80 -5.32 12.71
CA PRO A 217 8.97 -4.04 13.40
C PRO A 217 7.70 -3.48 14.08
N VAL A 218 7.88 -2.95 15.28
CA VAL A 218 6.80 -2.31 16.02
C VAL A 218 7.19 -0.86 16.36
N SER A 219 8.42 -0.71 16.88
CA SER A 219 8.87 0.56 17.45
C SER A 219 9.32 1.60 16.42
N ASN A 220 9.69 1.13 15.23
CA ASN A 220 10.19 2.03 14.20
C ASN A 220 9.28 2.05 12.98
N PRO A 221 9.22 3.19 12.29
CA PRO A 221 8.53 3.29 11.00
C PRO A 221 9.20 2.38 9.98
N CYS A 222 8.42 1.79 9.07
CA CYS A 222 8.98 0.93 8.02
C CYS A 222 8.01 0.83 6.87
N ALA A 223 8.49 0.37 5.73
CA ALA A 223 7.62 0.04 4.60
C ALA A 223 7.41 -1.47 4.54
N GLY A 224 6.67 -1.95 3.54
CA GLY A 224 6.44 -3.39 3.42
C GLY A 224 7.73 -4.13 3.16
N SER A 225 7.64 -5.46 3.08
CA SER A 225 8.81 -6.29 2.86
C SER A 225 9.59 -5.79 1.64
N ILE A 226 10.92 -5.76 1.76
CA ILE A 226 11.76 -5.09 0.78
C ILE A 226 11.95 -5.89 -0.52
N PHE A 227 12.25 -7.17 -0.35
CA PHE A 227 12.59 -8.02 -1.47
C PHE A 227 11.56 -9.09 -1.72
N ARG A 228 11.35 -9.43 -3.00
CA ARG A 228 10.61 -10.64 -3.34
C ARG A 228 11.42 -11.81 -2.84
N ASN A 229 10.77 -12.87 -2.40
CA ASN A 229 11.52 -14.07 -2.02
C ASN A 229 12.01 -14.80 -3.25
N PRO A 230 13.33 -15.04 -3.33
CA PRO A 230 13.86 -15.84 -4.44
C PRO A 230 13.57 -17.32 -4.16
N LEU A 231 12.33 -17.75 -4.43
CA LEU A 231 11.89 -19.08 -4.00
C LEU A 231 12.80 -20.19 -4.52
N PRO A 232 13.03 -21.22 -3.70
CA PRO A 232 12.39 -21.46 -2.42
C PRO A 232 13.07 -20.79 -1.22
N ASP A 233 14.05 -19.94 -1.47
CA ASP A 233 14.67 -19.18 -0.37
C ASP A 233 13.77 -18.03 0.04
N HIS A 234 13.89 -17.63 1.31
CA HIS A 234 13.20 -16.44 1.80
C HIS A 234 14.21 -15.33 1.98
N ALA A 235 13.89 -14.16 1.45
CA ALA A 235 14.79 -13.01 1.48
C ALA A 235 15.22 -12.68 2.89
N GLY A 236 14.27 -12.66 3.81
CA GLY A 236 14.55 -12.39 5.21
C GLY A 236 15.60 -13.32 5.79
N ARG A 237 15.46 -14.62 5.53
CA ARG A 237 16.41 -15.59 6.07
C ARG A 237 17.80 -15.46 5.43
N LEU A 238 17.84 -15.16 4.14
CA LEU A 238 19.13 -14.92 3.46
C LEU A 238 19.86 -13.75 4.10
N VAL A 239 19.15 -12.63 4.27
CA VAL A 239 19.69 -11.45 4.92
C VAL A 239 20.17 -11.74 6.33
N GLU A 240 19.35 -12.44 7.13
CA GLU A 240 19.75 -12.82 8.49
C GLU A 240 20.97 -13.73 8.46
N GLN A 241 20.99 -14.70 7.56
CA GLN A 241 22.10 -15.67 7.47
C GLN A 241 23.40 -14.98 7.04
N ALA A 242 23.29 -13.87 6.32
CA ALA A 242 24.46 -13.07 5.97
C ALA A 242 24.83 -12.09 7.09
N GLY A 243 24.17 -12.21 8.24
CA GLY A 243 24.42 -11.36 9.38
C GLY A 243 24.13 -9.87 9.21
N LEU A 244 23.10 -9.51 8.45
CA LEU A 244 22.83 -8.10 8.19
C LEU A 244 21.72 -7.48 9.06
N LYS A 245 21.12 -8.26 9.94
CA LYS A 245 20.11 -7.68 10.84
C LYS A 245 20.74 -6.51 11.57
N GLY A 246 20.02 -5.41 11.67
CA GLY A 246 20.54 -4.25 12.38
C GLY A 246 21.54 -3.47 11.56
N HIS A 247 21.92 -3.98 10.40
CA HIS A 247 22.92 -3.26 9.60
C HIS A 247 22.39 -1.90 9.24
N ARG A 248 23.20 -0.89 9.49
CA ARG A 248 22.76 0.49 9.38
C ARG A 248 23.49 1.26 8.32
N ILE A 249 22.75 2.07 7.59
CA ILE A 249 23.32 3.12 6.75
C ILE A 249 22.54 4.39 7.03
N GLY A 250 23.20 5.40 7.61
CA GLY A 250 22.54 6.65 7.96
C GLY A 250 21.44 6.39 8.96
N GLY A 251 20.24 6.88 8.65
CA GLY A 251 19.09 6.68 9.52
C GLY A 251 18.34 5.39 9.23
N ALA A 252 18.75 4.69 8.17
CA ALA A 252 18.14 3.43 7.77
C ALA A 252 18.88 2.22 8.31
N LYS A 253 18.14 1.19 8.73
CA LYS A 253 18.75 -0.08 9.12
C LYS A 253 17.83 -1.26 8.85
N VAL A 254 18.43 -2.41 8.59
CA VAL A 254 17.70 -3.65 8.57
C VAL A 254 17.16 -3.88 9.98
N SER A 255 15.87 -4.18 10.09
CA SER A 255 15.24 -4.36 11.40
C SER A 255 15.98 -5.42 12.17
N GLU A 256 15.92 -5.35 13.50
CA GLU A 256 16.68 -6.27 14.33
C GLU A 256 16.07 -7.67 14.35
N MET A 257 14.80 -7.78 14.01
CA MET A 257 14.12 -9.07 14.11
C MET A 257 13.78 -9.70 12.76
N HIS A 258 13.76 -8.90 11.70
CA HIS A 258 13.36 -9.42 10.39
C HIS A 258 14.26 -8.90 9.29
N GLY A 259 14.96 -9.82 8.64
CA GLY A 259 15.89 -9.46 7.58
C GLY A 259 15.26 -8.83 6.35
N ASN A 260 13.94 -8.98 6.18
CA ASN A 260 13.30 -8.42 4.98
C ASN A 260 12.55 -7.11 5.20
N PHE A 261 12.83 -6.45 6.32
CA PHE A 261 12.26 -5.13 6.57
C PHE A 261 13.37 -4.14 6.88
N ILE A 262 13.33 -3.00 6.22
CA ILE A 262 14.22 -1.92 6.58
C ILE A 262 13.41 -0.93 7.40
N VAL A 263 13.91 -0.58 8.59
CA VAL A 263 13.19 0.39 9.41
C VAL A 263 13.85 1.75 9.32
N ASN A 264 13.06 2.80 9.47
CA ASN A 264 13.59 4.14 9.63
C ASN A 264 13.91 4.32 11.11
N ALA A 265 15.16 4.08 11.48
CA ALA A 265 15.58 4.19 12.88
C ALA A 265 15.46 5.63 13.39
N GLY A 266 15.47 6.58 12.44
CA GLY A 266 15.28 7.99 12.74
C GLY A 266 16.14 8.86 11.85
N GLY A 267 15.49 9.74 11.09
CA GLY A 267 16.19 10.68 10.23
C GLY A 267 16.64 10.12 8.88
N ALA A 268 16.27 8.87 8.59
CA ALA A 268 16.62 8.23 7.32
C ALA A 268 16.20 9.05 6.13
N THR A 269 17.07 9.12 5.13
CA THR A 269 16.72 9.65 3.83
C THR A 269 16.36 8.49 2.89
N ALA A 270 15.78 8.81 1.74
CA ALA A 270 15.55 7.79 0.72
C ALA A 270 16.89 7.20 0.26
N LYS A 271 17.89 8.07 0.12
CA LYS A 271 19.24 7.64 -0.29
C LYS A 271 19.79 6.57 0.64
N ASP A 272 19.68 6.79 1.96
CA ASP A 272 20.06 5.78 2.94
C ASP A 272 19.39 4.45 2.63
N VAL A 273 18.08 4.48 2.37
CA VAL A 273 17.37 3.23 2.15
C VAL A 273 17.85 2.56 0.87
N LEU A 274 17.96 3.33 -0.21
CA LEU A 274 18.46 2.82 -1.48
C LEU A 274 19.86 2.22 -1.35
N ASP A 275 20.74 2.92 -0.65
CA ASP A 275 22.09 2.41 -0.42
C ASP A 275 22.03 1.10 0.31
N LEU A 276 21.13 1.01 1.28
CA LEU A 276 21.01 -0.17 2.10
C LEU A 276 20.53 -1.33 1.25
N ILE A 277 19.50 -1.07 0.43
CA ILE A 277 19.00 -2.05 -0.53
C ILE A 277 20.11 -2.56 -1.45
N ALA A 278 20.86 -1.65 -2.07
CA ALA A 278 21.98 -2.05 -2.91
C ALA A 278 23.05 -2.85 -2.15
N PHE A 279 23.34 -2.46 -0.91
CA PHE A 279 24.34 -3.16 -0.12
C PHE A 279 23.91 -4.58 0.21
N ILE A 280 22.63 -4.75 0.53
CA ILE A 280 22.09 -6.07 0.83
C ILE A 280 22.16 -6.94 -0.44
N GLN A 281 21.80 -6.34 -1.57
CA GLN A 281 21.82 -7.06 -2.86
C GLN A 281 23.22 -7.57 -3.20
N LYS A 282 24.20 -6.70 -3.02
CA LYS A 282 25.59 -7.03 -3.31
C LYS A 282 26.03 -8.18 -2.42
N THR A 283 25.69 -8.06 -1.14
CA THR A 283 26.10 -9.03 -0.15
C THR A 283 25.53 -10.40 -0.46
N ILE A 284 24.26 -10.46 -0.83
CA ILE A 284 23.61 -11.74 -1.12
C ILE A 284 24.07 -12.31 -2.46
N LYS A 285 24.30 -11.43 -3.43
CA LYS A 285 24.84 -11.88 -4.71
C LYS A 285 26.24 -12.49 -4.50
N GLU A 286 27.08 -11.87 -3.69
CA GLU A 286 28.41 -12.40 -3.42
C GLU A 286 28.37 -13.73 -2.69
N LYS A 287 27.58 -13.78 -1.62
CA LYS A 287 27.55 -14.97 -0.76
C LYS A 287 26.81 -16.15 -1.42
N TYR A 288 25.70 -15.87 -2.10
CA TYR A 288 24.79 -16.92 -2.54
C TYR A 288 24.60 -16.96 -4.04
N ASP A 289 25.15 -15.97 -4.73
CA ASP A 289 24.99 -15.84 -6.18
C ASP A 289 23.51 -15.65 -6.58
N ILE A 290 22.77 -14.98 -5.71
CA ILE A 290 21.36 -14.72 -5.96
C ILE A 290 21.16 -13.24 -6.15
N ASP A 291 20.44 -12.88 -7.21
CA ASP A 291 20.09 -11.50 -7.47
C ASP A 291 18.69 -11.26 -6.94
N MET A 292 18.58 -10.54 -5.83
CA MET A 292 17.26 -10.27 -5.26
C MET A 292 16.62 -9.03 -5.86
N HIS A 293 15.31 -9.08 -6.05
CA HIS A 293 14.56 -8.00 -6.67
C HIS A 293 13.64 -7.36 -5.65
N THR A 294 13.39 -6.07 -5.78
CA THR A 294 12.57 -5.36 -4.80
C THR A 294 11.07 -5.63 -4.98
N GLU A 295 10.36 -5.69 -3.86
CA GLU A 295 8.90 -5.76 -3.83
C GLU A 295 8.39 -4.40 -3.37
N VAL A 296 9.11 -3.79 -2.44
CA VAL A 296 8.79 -2.41 -2.04
C VAL A 296 8.84 -1.52 -3.28
N GLU A 297 7.93 -0.56 -3.38
CA GLU A 297 7.86 0.22 -4.59
C GLU A 297 8.60 1.55 -4.44
N ILE A 298 9.56 1.77 -5.33
CA ILE A 298 10.30 3.04 -5.32
C ILE A 298 9.69 4.06 -6.28
N VAL A 299 9.32 5.22 -5.74
CA VAL A 299 8.60 6.22 -6.50
C VAL A 299 9.22 7.61 -6.32
N GLY A 300 9.12 8.44 -7.34
CA GLY A 300 9.52 9.84 -7.21
C GLY A 300 10.44 10.31 -8.33
N GLU A 301 10.32 11.59 -8.67
CA GLU A 301 11.16 12.27 -9.68
C GLU A 301 10.91 11.84 -11.14
N LYS A 302 11.17 10.57 -11.43
CA LYS A 302 11.22 10.06 -12.79
C LYS A 302 9.85 10.09 -13.48
#